data_4BES
#
_entry.id   4BES
#
_cell.length_a   84.275
_cell.length_b   122.304
_cell.length_c   54.985
_cell.angle_alpha   90.00
_cell.angle_beta   90.00
_cell.angle_gamma   90.00
#
_symmetry.space_group_name_H-M   'P 21 21 2'
#
loop_
_entity.id
_entity.type
_entity.pdbx_description
1 polymer 'PHOSPHOCHOLINE TRANSFERASE ANKX'
2 non-polymer "CYTIDINE-5'-MONOPHOSPHATE"
3 non-polymer PHOSPHOCHOLINE
4 non-polymer 'SULFATE ION'
5 water water
#
_entity_poly.entity_id   1
_entity_poly.type   'polypeptide(L)'
_entity_poly.pdbx_seq_one_letter_code
;GVKIMPNLPGLYFLQAYPSEEIWRLFVDGRFWSKENGWRGYESREPGCLNAALESLCSIALQVEKSGEEFELSVDLIKRI
HKKCGKKVEELQEKNPGELRTDEPVSFGIPAGRASIKGIEEFLSLVFLTEGGAEFGPGKAGPFGPRFDKNYFKNLNPEQI
PDLAKQIYFDMCKYGHSNTNHFYLAVMKNVDVYLEKITQSYNKEIKTAETLDEKLKIIVKHIRMYEVLHPFRDANGRTFV
NNLLNIPLMQQGLPPATFYEPNVFDLYSAEELVVVVKEAIFNTVEIIEQSKRKTPITLYGYHSSLEEQTKFRDMLDSPSY
EKIKHMDFSDLNPEKLHLKTQKCLSSLNEQYPLHRGAIYLSDPGEIKLLLSNRNESQINQQIEQGAPPIYVGKTPAHLAV
ISGNMAMLDELIAKKADLSLQDYDGKTALHYAAECGNMQIMGKILKVVLSQEDAIKVLNIKDNHGKTAFHYAAEFGTPEL
ISAL
;
_entity_poly.pdbx_strand_id   A
#
loop_
_chem_comp.id
_chem_comp.type
_chem_comp.name
_chem_comp.formula
C5P non-polymer CYTIDINE-5'-MONOPHOSPHATE 'C9 H14 N3 O8 P'
PC non-polymer PHOSPHOCHOLINE 'C5 H15 N O4 P 1'
SO4 non-polymer 'SULFATE ION' 'O4 S -2'
#
# COMPACT_ATOMS: atom_id res chain seq x y z
N PRO A 6 4.02 24.38 16.21
CA PRO A 6 4.48 23.68 14.99
C PRO A 6 3.36 23.54 13.97
N ASN A 7 3.62 23.92 12.70
CA ASN A 7 2.65 23.84 11.60
C ASN A 7 2.42 22.34 11.22
N LEU A 8 3.51 21.52 11.26
CA LEU A 8 3.42 20.08 11.01
C LEU A 8 3.97 19.33 12.23
N PRO A 9 3.19 19.16 13.34
CA PRO A 9 3.74 18.44 14.50
C PRO A 9 4.19 16.98 14.25
N GLY A 10 3.60 16.32 13.24
CA GLY A 10 3.94 14.94 12.85
C GLY A 10 5.38 14.82 12.36
N LEU A 11 6.04 15.96 12.04
CA LEU A 11 7.45 16.00 11.63
C LEU A 11 8.32 15.35 12.69
N TYR A 12 7.83 15.36 13.97
CA TYR A 12 8.45 14.69 15.10
C TYR A 12 8.62 13.21 14.76
N PHE A 13 7.57 12.55 14.21
CA PHE A 13 7.65 11.14 13.81
C PHE A 13 8.57 10.91 12.61
N LEU A 14 8.73 11.90 11.74
CA LEU A 14 9.65 11.77 10.61
C LEU A 14 11.08 11.74 11.12
N GLN A 15 11.37 12.53 12.19
CA GLN A 15 12.66 12.58 12.84
C GLN A 15 12.94 11.24 13.54
N ALA A 16 11.94 10.69 14.28
CA ALA A 16 12.01 9.41 15.00
C ALA A 16 12.23 8.23 14.04
N TYR A 17 11.79 8.36 12.78
CA TYR A 17 11.94 7.33 11.76
C TYR A 17 13.42 6.97 11.56
N PRO A 18 13.80 5.66 11.72
CA PRO A 18 15.21 5.27 11.56
C PRO A 18 15.79 5.52 10.17
N SER A 19 16.85 6.36 10.10
CA SER A 19 17.57 6.76 8.88
C SER A 19 17.78 5.62 7.90
N GLU A 20 18.30 4.48 8.40
CA GLU A 20 18.62 3.27 7.63
C GLU A 20 17.39 2.52 7.07
N GLU A 21 16.18 2.95 7.47
CA GLU A 21 14.88 2.39 7.05
C GLU A 21 14.01 3.44 6.38
N ILE A 22 14.52 4.68 6.17
CA ILE A 22 13.73 5.79 5.58
C ILE A 22 13.09 5.51 4.20
N TRP A 23 13.71 4.63 3.40
CA TRP A 23 13.24 4.17 2.08
C TRP A 23 11.90 3.49 2.20
N ARG A 24 11.58 2.94 3.41
CA ARG A 24 10.30 2.25 3.67
C ARG A 24 9.06 3.14 3.46
N LEU A 25 9.21 4.48 3.54
CA LEU A 25 8.02 5.28 3.22
C LEU A 25 7.82 5.58 1.73
N PHE A 26 8.71 5.03 0.88
CA PHE A 26 8.63 5.14 -0.58
C PHE A 26 8.49 3.77 -1.24
N VAL A 27 9.25 2.75 -0.76
CA VAL A 27 9.23 1.40 -1.32
C VAL A 27 8.03 0.62 -0.79
N ASP A 28 7.13 0.14 -1.69
CA ASP A 28 5.95 -0.66 -1.29
C ASP A 28 6.37 -1.94 -0.59
N GLY A 29 5.78 -2.18 0.57
CA GLY A 29 6.02 -3.36 1.41
C GLY A 29 5.86 -4.68 0.71
N ARG A 30 5.13 -4.69 -0.41
CA ARG A 30 4.92 -5.88 -1.26
C ARG A 30 6.21 -6.35 -1.95
N PHE A 31 7.16 -5.43 -2.16
CA PHE A 31 8.43 -5.65 -2.86
C PHE A 31 9.55 -6.16 -1.97
N TRP A 32 9.56 -5.73 -0.68
CA TRP A 32 10.62 -5.96 0.30
C TRP A 32 11.29 -7.30 0.33
N SER A 33 10.51 -8.38 0.46
CA SER A 33 10.99 -9.77 0.54
C SER A 33 11.64 -10.31 -0.72
N LYS A 34 11.14 -9.88 -1.90
CA LYS A 34 11.57 -10.37 -3.19
C LYS A 34 12.64 -9.51 -3.83
N GLU A 35 12.77 -8.24 -3.39
CA GLU A 35 13.70 -7.30 -4.01
C GLU A 35 14.73 -6.68 -3.10
N ASN A 36 15.16 -7.42 -2.06
CA ASN A 36 16.17 -6.97 -1.08
C ASN A 36 15.82 -5.59 -0.54
N GLY A 37 14.57 -5.46 -0.11
CA GLY A 37 14.00 -4.24 0.44
C GLY A 37 13.81 -3.18 -0.62
N TRP A 38 14.79 -2.28 -0.73
CA TRP A 38 14.80 -1.10 -1.60
C TRP A 38 15.53 -1.24 -2.93
N ARG A 39 16.51 -2.15 -3.01
CA ARG A 39 17.37 -2.35 -4.18
C ARG A 39 16.68 -2.41 -5.53
N GLY A 40 15.63 -3.23 -5.67
CA GLY A 40 14.84 -3.35 -6.90
C GLY A 40 14.12 -2.08 -7.33
N TYR A 41 13.58 -1.31 -6.34
CA TYR A 41 12.87 -0.02 -6.55
C TYR A 41 13.88 1.01 -7.10
N GLU A 42 15.11 1.05 -6.50
CA GLU A 42 16.18 1.96 -6.91
C GLU A 42 16.68 1.64 -8.28
N SER A 43 16.86 0.34 -8.64
CA SER A 43 17.34 -0.07 -9.97
C SER A 43 16.39 0.28 -11.13
N ARG A 44 15.07 0.32 -10.90
CA ARG A 44 14.04 0.69 -11.90
C ARG A 44 14.15 2.15 -12.35
N GLU A 45 14.55 3.04 -11.44
CA GLU A 45 14.72 4.47 -11.69
C GLU A 45 15.85 4.94 -10.76
N PRO A 46 17.15 4.78 -11.12
CA PRO A 46 18.22 5.24 -10.21
C PRO A 46 18.08 6.73 -9.87
N GLY A 47 18.21 7.01 -8.58
CA GLY A 47 18.06 8.35 -8.03
C GLY A 47 16.70 8.64 -7.46
N CYS A 48 15.69 7.80 -7.80
CA CYS A 48 14.30 7.99 -7.37
C CYS A 48 13.98 7.97 -5.89
N LEU A 49 14.78 7.28 -5.07
CA LEU A 49 14.53 7.27 -3.63
C LEU A 49 14.92 8.60 -3.00
N ASN A 50 16.17 9.08 -3.24
CA ASN A 50 16.68 10.34 -2.72
C ASN A 50 15.83 11.54 -3.16
N ALA A 51 15.42 11.56 -4.45
CA ALA A 51 14.58 12.61 -5.01
C ALA A 51 13.21 12.68 -4.29
N ALA A 52 12.60 11.51 -4.01
CA ALA A 52 11.33 11.44 -3.32
C ALA A 52 11.46 11.89 -1.85
N LEU A 53 12.58 11.55 -1.18
CA LEU A 53 12.87 11.94 0.22
C LEU A 53 13.18 13.45 0.29
N GLU A 54 13.98 13.96 -0.66
CA GLU A 54 14.33 15.37 -0.74
C GLU A 54 13.08 16.22 -1.02
N SER A 55 12.14 15.67 -1.81
CA SER A 55 10.90 16.35 -2.16
C SER A 55 10.02 16.50 -0.92
N LEU A 56 9.80 15.39 -0.17
CA LEU A 56 8.97 15.38 1.04
C LEU A 56 9.50 16.33 2.11
N CYS A 57 10.77 16.17 2.47
CA CYS A 57 11.44 16.97 3.49
C CYS A 57 11.57 18.43 3.11
N SER A 58 11.93 18.75 1.86
CA SER A 58 12.09 20.14 1.45
C SER A 58 10.77 20.89 1.41
N ILE A 59 9.68 20.22 0.99
CA ILE A 59 8.39 20.90 0.99
C ILE A 59 7.81 21.01 2.42
N ALA A 60 8.01 19.96 3.27
CA ALA A 60 7.53 19.97 4.67
C ALA A 60 8.22 21.08 5.48
N LEU A 61 9.52 21.30 5.20
CA LEU A 61 10.35 22.35 5.78
C LEU A 61 9.85 23.69 5.23
N GLN A 62 9.43 23.73 3.95
CA GLN A 62 8.87 24.92 3.32
C GLN A 62 7.60 25.35 4.02
N VAL A 63 6.66 24.39 4.33
CA VAL A 63 5.42 24.72 5.06
C VAL A 63 5.69 25.15 6.50
N GLU A 64 6.54 24.39 7.23
CA GLU A 64 6.90 24.69 8.62
C GLU A 64 7.51 26.11 8.72
N LYS A 65 8.44 26.46 7.79
CA LYS A 65 9.06 27.79 7.74
C LYS A 65 8.16 28.73 6.92
N SER A 66 7.00 29.09 7.51
CA SER A 66 5.99 30.01 6.95
C SER A 66 5.03 30.22 8.13
N GLY A 67 4.86 31.48 8.52
CA GLY A 67 3.90 31.95 9.54
C GLY A 67 2.46 31.55 9.28
N GLU A 68 1.98 31.80 8.04
CA GLU A 68 0.63 31.48 7.57
C GLU A 68 0.27 30.01 7.73
N GLU A 69 -1.03 29.72 7.96
CA GLU A 69 -1.55 28.37 8.15
C GLU A 69 -1.50 27.58 6.83
N PHE A 70 -1.13 26.29 6.90
CA PHE A 70 -0.99 25.45 5.72
C PHE A 70 -2.25 25.27 4.87
N GLU A 71 -2.13 25.70 3.61
CA GLU A 71 -3.17 25.58 2.60
C GLU A 71 -2.60 24.95 1.34
N LEU A 72 -3.26 23.86 0.91
CA LEU A 72 -2.97 23.11 -0.31
C LEU A 72 -3.15 24.04 -1.51
N SER A 73 -2.23 23.96 -2.48
CA SER A 73 -2.32 24.75 -3.72
C SER A 73 -1.78 23.94 -4.89
N VAL A 74 -2.16 24.30 -6.13
CA VAL A 74 -1.65 23.62 -7.32
C VAL A 74 -0.15 23.96 -7.57
N ASP A 75 0.36 25.03 -6.93
CA ASP A 75 1.76 25.40 -7.05
C ASP A 75 2.49 24.41 -6.17
N LEU A 76 1.93 24.09 -4.97
CA LEU A 76 2.51 23.09 -4.06
C LEU A 76 2.73 21.73 -4.74
N ILE A 77 1.61 21.22 -5.31
CA ILE A 77 1.60 20.01 -6.15
C ILE A 77 2.61 19.94 -7.29
N LYS A 78 2.70 21.02 -8.09
CA LYS A 78 3.64 21.18 -9.20
C LYS A 78 5.10 21.16 -8.68
N ARG A 79 5.40 21.86 -7.55
CA ARG A 79 6.72 21.86 -6.92
C ARG A 79 7.13 20.43 -6.49
N ILE A 80 6.17 19.67 -5.89
CA ILE A 80 6.32 18.27 -5.48
C ILE A 80 6.66 17.38 -6.69
N HIS A 81 5.96 17.57 -7.81
CA HIS A 81 6.19 16.78 -9.04
C HIS A 81 7.58 17.03 -9.61
N LYS A 82 7.98 18.31 -9.69
CA LYS A 82 9.27 18.76 -10.19
C LYS A 82 10.41 18.09 -9.38
N LYS A 83 10.28 18.16 -8.04
CA LYS A 83 11.23 17.60 -7.09
C LYS A 83 11.38 16.08 -7.17
N CYS A 84 10.26 15.34 -7.39
CA CYS A 84 10.28 13.88 -7.54
C CYS A 84 11.00 13.44 -8.84
N GLY A 85 11.09 14.35 -9.82
CA GLY A 85 11.77 14.12 -11.11
C GLY A 85 13.27 14.06 -11.02
N PRO A 96 7.22 16.77 -16.23
CA PRO A 96 8.46 17.38 -15.71
C PRO A 96 8.19 18.71 -15.01
N GLY A 97 7.38 18.66 -13.95
CA GLY A 97 6.95 19.82 -13.17
C GLY A 97 5.64 20.40 -13.67
N GLU A 98 5.35 20.26 -14.99
CA GLU A 98 4.12 20.73 -15.62
C GLU A 98 3.03 19.65 -15.76
N LEU A 99 1.80 20.11 -15.95
CA LEU A 99 0.58 19.32 -16.07
C LEU A 99 0.41 18.78 -17.44
N ARG A 100 -0.37 17.70 -17.58
CA ARG A 100 -0.75 17.15 -18.87
C ARG A 100 -1.81 18.10 -19.43
N THR A 101 -1.85 18.28 -20.75
CA THR A 101 -2.90 19.07 -21.37
C THR A 101 -3.78 18.18 -22.24
N ASP A 102 -3.22 17.76 -23.36
CA ASP A 102 -3.87 16.85 -24.31
C ASP A 102 -3.33 15.40 -24.18
N GLU A 103 -2.14 15.21 -23.58
CA GLU A 103 -1.44 13.92 -23.46
C GLU A 103 -2.26 12.79 -22.83
N PRO A 104 -2.41 11.63 -23.54
CA PRO A 104 -3.16 10.51 -22.94
C PRO A 104 -2.34 9.74 -21.92
N VAL A 105 -2.95 9.43 -20.78
CA VAL A 105 -2.28 8.63 -19.77
C VAL A 105 -3.23 7.51 -19.37
N SER A 106 -2.73 6.28 -19.40
CA SER A 106 -3.55 5.12 -19.07
C SER A 106 -2.81 4.07 -18.28
N PHE A 107 -3.58 3.23 -17.60
CA PHE A 107 -3.05 2.10 -16.86
C PHE A 107 -4.15 1.09 -16.64
N GLY A 108 -3.73 -0.11 -16.31
CA GLY A 108 -4.63 -1.20 -15.98
C GLY A 108 -4.78 -1.28 -14.48
N ILE A 109 -5.88 -1.90 -14.01
CA ILE A 109 -6.16 -2.07 -12.61
C ILE A 109 -6.61 -3.51 -12.38
N PRO A 110 -5.89 -4.25 -11.50
CA PRO A 110 -6.29 -5.63 -11.22
C PRO A 110 -7.36 -5.69 -10.11
N ALA A 111 -8.10 -6.81 -10.00
CA ALA A 111 -9.14 -6.98 -8.98
C ALA A 111 -8.62 -6.67 -7.56
N GLY A 112 -7.40 -7.07 -7.28
CA GLY A 112 -6.72 -6.83 -6.01
C GLY A 112 -6.58 -5.38 -5.60
N ARG A 113 -6.73 -4.43 -6.54
CA ARG A 113 -6.62 -3.01 -6.25
C ARG A 113 -7.98 -2.30 -6.36
N ALA A 114 -9.04 -3.11 -6.28
CA ALA A 114 -10.42 -2.68 -6.42
C ALA A 114 -11.34 -3.17 -5.31
N SER A 115 -12.51 -2.49 -5.18
CA SER A 115 -13.58 -2.84 -4.27
C SER A 115 -14.87 -2.39 -4.90
N ILE A 116 -15.99 -3.10 -4.62
CA ILE A 116 -17.33 -2.79 -5.15
C ILE A 116 -17.71 -1.32 -4.80
N LYS A 117 -17.52 -0.92 -3.52
CA LYS A 117 -17.78 0.44 -3.02
C LYS A 117 -16.86 1.45 -3.72
N GLY A 118 -15.63 1.03 -3.99
CA GLY A 118 -14.66 1.86 -4.69
C GLY A 118 -15.03 2.09 -6.14
N ILE A 119 -15.50 1.02 -6.84
CA ILE A 119 -15.93 1.10 -8.23
C ILE A 119 -17.16 2.05 -8.37
N GLU A 120 -18.16 1.89 -7.49
CA GLU A 120 -19.35 2.72 -7.37
C GLU A 120 -18.97 4.22 -7.32
N GLU A 121 -18.04 4.58 -6.39
CA GLU A 121 -17.58 5.95 -6.21
C GLU A 121 -16.91 6.53 -7.47
N PHE A 122 -16.01 5.75 -8.07
CA PHE A 122 -15.28 6.09 -9.28
C PHE A 122 -16.25 6.41 -10.48
N LEU A 123 -17.28 5.56 -10.67
CA LEU A 123 -18.29 5.75 -11.71
C LEU A 123 -19.12 7.03 -11.48
N SER A 124 -19.26 7.44 -10.21
CA SER A 124 -19.98 8.63 -9.73
C SER A 124 -19.17 9.94 -9.80
N LEU A 125 -17.84 9.89 -10.06
CA LEU A 125 -17.06 11.12 -10.18
C LEU A 125 -17.45 11.86 -11.46
N VAL A 126 -18.28 12.92 -11.29
CA VAL A 126 -18.79 13.72 -12.41
C VAL A 126 -17.72 14.20 -13.40
N PHE A 127 -16.52 14.61 -12.90
CA PHE A 127 -15.40 15.06 -13.72
C PHE A 127 -14.87 13.97 -14.67
N LEU A 128 -15.07 12.68 -14.32
CA LEU A 128 -14.65 11.59 -15.20
C LEU A 128 -15.53 11.45 -16.43
N THR A 129 -16.85 11.68 -16.24
CA THR A 129 -17.85 11.68 -17.31
C THR A 129 -17.64 12.90 -18.21
N GLU A 130 -17.63 14.13 -17.63
CA GLU A 130 -17.46 15.34 -18.44
C GLU A 130 -16.10 15.56 -19.09
N GLY A 131 -15.05 15.05 -18.44
CA GLY A 131 -13.67 15.13 -18.91
C GLY A 131 -13.29 14.15 -20.00
N GLY A 132 -14.15 13.16 -20.23
CA GLY A 132 -13.94 12.19 -21.30
C GLY A 132 -13.07 10.99 -20.99
N ALA A 133 -12.86 10.71 -19.70
CA ALA A 133 -12.12 9.54 -19.23
C ALA A 133 -12.87 8.26 -19.64
N GLU A 134 -12.12 7.16 -19.80
CA GLU A 134 -12.69 5.87 -20.17
C GLU A 134 -12.28 4.81 -19.19
N PHE A 135 -13.19 3.87 -18.96
CA PHE A 135 -12.92 2.74 -18.10
C PHE A 135 -13.76 1.58 -18.55
N GLY A 136 -13.14 0.41 -18.59
CA GLY A 136 -13.84 -0.81 -18.94
C GLY A 136 -12.93 -2.00 -19.19
N PRO A 137 -13.55 -3.13 -19.59
CA PRO A 137 -12.76 -4.33 -19.90
C PRO A 137 -12.07 -4.15 -21.23
N GLY A 138 -10.97 -4.85 -21.43
CA GLY A 138 -10.27 -4.74 -22.69
C GLY A 138 -8.92 -5.41 -22.77
N LYS A 139 -8.05 -4.80 -23.59
CA LYS A 139 -6.72 -5.26 -23.95
C LYS A 139 -5.81 -4.06 -24.17
N ALA A 140 -4.51 -4.22 -23.89
CA ALA A 140 -3.51 -3.19 -24.17
C ALA A 140 -3.30 -3.20 -25.70
N GLY A 141 -3.26 -2.02 -26.29
CA GLY A 141 -3.08 -1.87 -27.73
C GLY A 141 -1.80 -1.14 -28.06
N PRO A 142 -1.46 -1.01 -29.35
CA PRO A 142 -0.20 -0.35 -29.72
C PRO A 142 -0.06 1.10 -29.26
N PHE A 143 -1.17 1.82 -29.08
CA PHE A 143 -1.17 3.25 -28.72
C PHE A 143 -1.91 3.56 -27.45
N GLY A 144 -2.28 2.50 -26.73
CA GLY A 144 -3.04 2.57 -25.49
C GLY A 144 -4.09 1.49 -25.47
N PRO A 145 -4.94 1.42 -24.44
CA PRO A 145 -5.94 0.32 -24.37
C PRO A 145 -6.96 0.26 -25.49
N ARG A 146 -7.40 -0.96 -25.79
CA ARG A 146 -8.45 -1.27 -26.78
C ARG A 146 -9.62 -1.77 -25.95
N PHE A 147 -10.56 -0.83 -25.64
CA PHE A 147 -11.73 -1.09 -24.80
C PHE A 147 -12.78 -1.95 -25.50
N ASP A 148 -13.27 -2.99 -24.82
CA ASP A 148 -14.38 -3.78 -25.36
C ASP A 148 -15.63 -2.96 -24.97
N LYS A 149 -15.60 -2.34 -23.77
CA LYS A 149 -16.67 -1.47 -23.25
C LYS A 149 -16.06 -0.27 -22.48
N ASN A 150 -16.76 0.87 -22.48
CA ASN A 150 -16.40 2.07 -21.72
C ASN A 150 -17.66 2.44 -20.91
N TYR A 151 -17.58 2.25 -19.58
CA TYR A 151 -18.65 2.48 -18.61
C TYR A 151 -19.10 3.93 -18.52
N PHE A 152 -18.25 4.88 -18.90
CA PHE A 152 -18.60 6.31 -18.93
C PHE A 152 -19.41 6.69 -20.17
N LYS A 153 -19.65 5.74 -21.10
CA LYS A 153 -20.50 6.00 -22.26
C LYS A 153 -21.90 5.54 -21.88
N ASN A 154 -22.86 6.49 -21.87
CA ASN A 154 -24.29 6.27 -21.55
C ASN A 154 -24.51 5.67 -20.17
N LEU A 155 -23.76 6.17 -19.19
CA LEU A 155 -23.88 5.70 -17.83
C LEU A 155 -25.14 6.30 -17.19
N ASN A 156 -26.09 5.40 -16.88
CA ASN A 156 -27.32 5.67 -16.15
C ASN A 156 -26.87 5.63 -14.68
N PRO A 157 -26.96 6.77 -13.94
CA PRO A 157 -26.48 6.78 -12.55
C PRO A 157 -27.19 5.81 -11.60
N GLU A 158 -28.40 5.36 -11.98
CA GLU A 158 -29.24 4.45 -11.20
C GLU A 158 -28.63 3.04 -11.19
N GLN A 159 -28.00 2.63 -12.32
CA GLN A 159 -27.41 1.32 -12.56
C GLN A 159 -26.02 1.14 -11.95
N ILE A 160 -25.38 2.24 -11.49
CA ILE A 160 -24.03 2.19 -10.91
C ILE A 160 -23.84 1.15 -9.76
N PRO A 161 -24.74 0.97 -8.74
CA PRO A 161 -24.48 -0.06 -7.72
C PRO A 161 -24.41 -1.49 -8.26
N ASP A 162 -25.33 -1.86 -9.18
CA ASP A 162 -25.39 -3.17 -9.82
C ASP A 162 -24.24 -3.42 -10.81
N LEU A 163 -23.83 -2.37 -11.53
CA LEU A 163 -22.73 -2.45 -12.50
C LEU A 163 -21.38 -2.60 -11.77
N ALA A 164 -21.21 -1.90 -10.63
CA ALA A 164 -20.00 -1.94 -9.78
C ALA A 164 -19.75 -3.34 -9.26
N LYS A 165 -20.83 -4.09 -8.97
CA LYS A 165 -20.77 -5.49 -8.52
C LYS A 165 -20.31 -6.37 -9.68
N GLN A 166 -20.85 -6.10 -10.90
CA GLN A 166 -20.55 -6.83 -12.13
C GLN A 166 -19.09 -6.62 -12.56
N ILE A 167 -18.64 -5.35 -12.59
CA ILE A 167 -17.26 -4.98 -12.92
C ILE A 167 -16.30 -5.75 -12.03
N TYR A 168 -16.56 -5.71 -10.70
CA TYR A 168 -15.77 -6.41 -9.70
C TYR A 168 -15.72 -7.92 -9.92
N PHE A 169 -16.88 -8.58 -10.15
CA PHE A 169 -16.89 -10.01 -10.40
C PHE A 169 -16.15 -10.37 -11.72
N ASP A 170 -16.26 -9.49 -12.74
CA ASP A 170 -15.54 -9.61 -14.01
C ASP A 170 -14.03 -9.49 -13.81
N MET A 171 -13.57 -8.57 -12.91
CA MET A 171 -12.14 -8.35 -12.62
C MET A 171 -11.52 -9.58 -11.92
N CYS A 172 -12.33 -10.28 -11.07
CA CYS A 172 -12.02 -11.52 -10.34
C CYS A 172 -11.93 -12.72 -11.31
N LYS A 173 -12.88 -12.79 -12.26
CA LYS A 173 -12.93 -13.84 -13.28
C LYS A 173 -11.57 -13.86 -13.98
N TYR A 174 -11.00 -12.68 -14.30
CA TYR A 174 -9.70 -12.63 -14.96
C TYR A 174 -8.51 -13.06 -14.08
N GLY A 175 -8.60 -12.79 -12.77
CA GLY A 175 -7.58 -13.12 -11.78
C GLY A 175 -7.27 -11.93 -10.91
N HIS A 176 -7.12 -12.17 -9.59
CA HIS A 176 -6.84 -11.17 -8.55
C HIS A 176 -5.71 -10.20 -8.91
N SER A 177 -4.54 -10.74 -9.30
CA SER A 177 -3.34 -9.99 -9.67
C SER A 177 -3.16 -9.77 -11.20
N ASN A 178 -4.17 -10.18 -11.97
CA ASN A 178 -4.18 -9.99 -13.43
C ASN A 178 -4.98 -8.76 -13.84
N THR A 179 -4.51 -8.08 -14.90
CA THR A 179 -5.10 -6.86 -15.45
C THR A 179 -5.84 -7.08 -16.76
N ASN A 180 -7.15 -6.86 -16.68
CA ASN A 180 -8.20 -7.02 -17.70
C ASN A 180 -8.89 -5.67 -17.93
N HIS A 181 -8.99 -4.85 -16.88
CA HIS A 181 -9.65 -3.56 -16.88
C HIS A 181 -8.69 -2.40 -16.99
N PHE A 182 -8.97 -1.49 -17.91
CA PHE A 182 -8.10 -0.37 -18.20
C PHE A 182 -8.80 0.92 -17.95
N TYR A 183 -8.01 1.93 -17.62
CA TYR A 183 -8.47 3.26 -17.33
C TYR A 183 -7.66 4.26 -18.11
N LEU A 184 -8.37 5.08 -18.91
CA LEU A 184 -7.81 6.16 -19.71
C LEU A 184 -8.24 7.45 -19.05
N ALA A 185 -7.28 8.19 -18.51
CA ALA A 185 -7.57 9.43 -17.81
C ALA A 185 -8.18 10.56 -18.66
N VAL A 186 -8.59 11.63 -17.99
CA VAL A 186 -9.19 12.82 -18.57
C VAL A 186 -8.17 13.57 -19.46
N MET A 187 -8.63 14.06 -20.62
CA MET A 187 -7.78 14.80 -21.54
C MET A 187 -8.27 16.23 -21.75
N LYS A 188 -9.38 16.61 -21.08
CA LYS A 188 -10.00 17.94 -21.17
C LYS A 188 -9.93 18.58 -19.80
N ASN A 189 -9.52 19.86 -19.73
CA ASN A 189 -9.48 20.71 -18.52
C ASN A 189 -8.85 20.16 -17.23
N VAL A 190 -7.69 19.47 -17.36
CA VAL A 190 -6.98 18.96 -16.20
C VAL A 190 -6.60 20.06 -15.19
N ASP A 191 -6.14 21.24 -15.70
CA ASP A 191 -5.78 22.41 -14.88
C ASP A 191 -6.97 22.89 -14.03
N VAL A 192 -8.18 22.84 -14.60
CA VAL A 192 -9.44 23.25 -13.95
C VAL A 192 -9.79 22.27 -12.83
N TYR A 193 -9.75 20.96 -13.13
CA TYR A 193 -10.07 19.93 -12.17
C TYR A 193 -9.07 19.92 -11.03
N LEU A 194 -7.77 20.16 -11.33
CA LEU A 194 -6.72 20.24 -10.31
C LEU A 194 -7.02 21.32 -9.29
N GLU A 195 -7.40 22.50 -9.77
CA GLU A 195 -7.78 23.67 -8.98
C GLU A 195 -9.07 23.42 -8.21
N LYS A 196 -10.06 22.78 -8.84
CA LYS A 196 -11.34 22.47 -8.22
C LYS A 196 -11.18 21.49 -7.05
N ILE A 197 -10.41 20.38 -7.25
CA ILE A 197 -10.09 19.39 -6.21
C ILE A 197 -9.40 20.08 -4.99
N THR A 198 -8.42 20.99 -5.28
CA THR A 198 -7.67 21.80 -4.30
C THR A 198 -8.61 22.70 -3.47
N GLN A 199 -9.57 23.38 -4.13
CA GLN A 199 -10.53 24.28 -3.49
C GLN A 199 -11.47 23.54 -2.55
N SER A 200 -12.01 22.39 -3.05
CA SER A 200 -12.91 21.49 -2.30
C SER A 200 -12.18 21.00 -1.05
N TYR A 201 -10.89 20.55 -1.21
CA TYR A 201 -10.09 20.13 -0.08
C TYR A 201 -10.02 21.20 1.01
N ASN A 202 -9.49 22.40 0.68
CA ASN A 202 -9.32 23.57 1.56
C ASN A 202 -10.63 24.03 2.22
N LYS A 203 -11.75 23.88 1.51
CA LYS A 203 -13.05 24.24 2.08
C LYS A 203 -13.48 23.14 3.08
N GLU A 204 -13.50 21.88 2.65
CA GLU A 204 -13.92 20.74 3.45
C GLU A 204 -13.10 20.47 4.72
N ILE A 205 -11.76 20.51 4.64
CA ILE A 205 -10.88 20.28 5.79
C ILE A 205 -11.19 21.18 6.99
N LYS A 206 -11.61 22.44 6.73
CA LYS A 206 -12.01 23.45 7.71
C LYS A 206 -13.35 23.07 8.41
N THR A 207 -14.18 22.27 7.72
CA THR A 207 -15.49 21.78 8.15
C THR A 207 -15.31 20.65 9.18
N ALA A 208 -14.41 19.71 8.87
CA ALA A 208 -14.11 18.52 9.67
C ALA A 208 -13.60 18.90 11.07
N GLU A 209 -14.26 18.37 12.11
CA GLU A 209 -13.89 18.65 13.49
C GLU A 209 -13.03 17.55 14.13
N THR A 210 -13.44 16.27 14.03
CA THR A 210 -12.67 15.15 14.54
C THR A 210 -11.53 14.75 13.58
N LEU A 211 -10.55 13.92 14.08
CA LEU A 211 -9.41 13.41 13.32
C LEU A 211 -9.86 12.45 12.21
N ASP A 212 -10.91 11.65 12.49
CA ASP A 212 -11.45 10.68 11.53
C ASP A 212 -12.08 11.41 10.36
N GLU A 213 -12.79 12.53 10.65
CA GLU A 213 -13.44 13.36 9.63
C GLU A 213 -12.34 13.94 8.75
N LYS A 214 -11.28 14.47 9.40
CA LYS A 214 -10.12 15.03 8.69
C LYS A 214 -9.47 14.01 7.74
N LEU A 215 -9.21 12.81 8.24
CA LEU A 215 -8.65 11.67 7.49
C LEU A 215 -9.54 11.35 6.28
N LYS A 216 -10.86 11.27 6.48
CA LYS A 216 -11.83 11.00 5.44
C LYS A 216 -11.73 12.04 4.32
N ILE A 217 -11.64 13.34 4.68
CA ILE A 217 -11.48 14.45 3.74
C ILE A 217 -10.17 14.33 2.98
N ILE A 218 -9.05 14.06 3.69
CA ILE A 218 -7.72 13.91 3.10
C ILE A 218 -7.70 12.78 2.06
N VAL A 219 -8.12 11.56 2.44
CA VAL A 219 -8.13 10.41 1.54
C VAL A 219 -9.06 10.60 0.35
N LYS A 220 -10.21 11.25 0.58
CA LYS A 220 -11.21 11.54 -0.44
C LYS A 220 -10.60 12.47 -1.52
N HIS A 221 -9.83 13.48 -1.11
CA HIS A 221 -9.18 14.40 -2.02
C HIS A 221 -7.97 13.85 -2.73
N ILE A 222 -7.09 13.11 -2.01
CA ILE A 222 -5.91 12.43 -2.57
C ILE A 222 -6.39 11.43 -3.64
N ARG A 223 -7.50 10.73 -3.39
CA ARG A 223 -8.08 9.78 -4.33
C ARG A 223 -8.49 10.49 -5.62
N MET A 224 -9.28 11.60 -5.48
CA MET A 224 -9.68 12.38 -6.65
C MET A 224 -8.45 12.92 -7.40
N TYR A 225 -7.37 13.36 -6.70
CA TYR A 225 -6.13 13.82 -7.36
C TYR A 225 -5.47 12.70 -8.15
N GLU A 226 -5.42 11.49 -7.59
CA GLU A 226 -4.81 10.31 -8.24
C GLU A 226 -5.60 9.92 -9.51
N VAL A 227 -6.93 9.73 -9.36
CA VAL A 227 -7.88 9.37 -10.41
C VAL A 227 -7.80 10.36 -11.60
N LEU A 228 -7.72 11.69 -11.31
CA LEU A 228 -7.41 12.69 -12.31
C LEU A 228 -5.90 12.45 -12.37
N HIS A 229 -5.37 11.95 -13.45
CA HIS A 229 -3.94 11.65 -13.41
C HIS A 229 -3.33 12.93 -14.04
N PRO A 230 -3.06 14.03 -13.28
CA PRO A 230 -2.68 15.29 -13.95
C PRO A 230 -1.32 15.34 -14.60
N PHE A 231 -0.40 14.49 -14.14
CA PHE A 231 0.94 14.43 -14.69
C PHE A 231 1.11 13.26 -15.62
N ARG A 232 2.11 13.34 -16.49
CA ARG A 232 2.45 12.32 -17.45
C ARG A 232 3.09 11.10 -16.76
N ASP A 233 3.73 11.34 -15.61
CA ASP A 233 4.47 10.35 -14.81
C ASP A 233 4.38 10.74 -13.34
N ALA A 234 4.79 9.82 -12.45
CA ALA A 234 4.91 10.00 -11.00
C ALA A 234 3.69 10.55 -10.23
N ASN A 235 2.49 10.11 -10.61
CA ASN A 235 1.28 10.56 -9.92
C ASN A 235 1.17 9.95 -8.52
N GLY A 236 1.56 8.68 -8.39
CA GLY A 236 1.56 7.96 -7.12
C GLY A 236 2.44 8.60 -6.07
N ARG A 237 3.72 8.78 -6.40
CA ARG A 237 4.71 9.39 -5.50
C ARG A 237 4.35 10.81 -5.09
N THR A 238 3.80 11.57 -6.05
CA THR A 238 3.43 12.98 -5.88
C THR A 238 2.34 13.14 -4.84
N PHE A 239 1.25 12.36 -5.00
CA PHE A 239 0.02 12.45 -4.20
C PHE A 239 -0.04 11.60 -2.97
N VAL A 240 0.44 10.34 -3.04
CA VAL A 240 0.38 9.43 -1.90
C VAL A 240 1.65 9.35 -1.04
N ASN A 241 2.83 9.33 -1.67
CA ASN A 241 4.06 9.24 -0.88
C ASN A 241 4.58 10.60 -0.41
N ASN A 242 4.04 11.68 -0.99
CA ASN A 242 4.43 13.05 -0.64
C ASN A 242 3.25 13.84 -0.08
N LEU A 243 2.39 14.39 -0.98
CA LEU A 243 1.24 15.20 -0.61
C LEU A 243 0.49 14.65 0.58
N LEU A 244 0.00 13.38 0.53
CA LEU A 244 -0.73 12.71 1.62
C LEU A 244 -0.06 12.87 2.99
N ASN A 245 1.27 12.77 3.05
CA ASN A 245 2.00 12.86 4.32
C ASN A 245 2.01 14.21 5.01
N ILE A 246 1.79 15.30 4.26
CA ILE A 246 1.77 16.67 4.78
C ILE A 246 0.54 16.89 5.67
N PRO A 247 -0.75 16.73 5.18
CA PRO A 247 -1.90 16.86 6.09
C PRO A 247 -1.89 15.84 7.23
N LEU A 248 -1.22 14.67 7.03
CA LEU A 248 -1.13 13.67 8.10
C LEU A 248 -0.29 14.23 9.21
N MET A 249 0.86 14.85 8.86
CA MET A 249 1.78 15.49 9.80
C MET A 249 1.21 16.76 10.41
N GLN A 250 0.32 17.46 9.66
CA GLN A 250 -0.40 18.66 10.08
C GLN A 250 -1.31 18.33 11.28
N GLN A 251 -1.89 17.13 11.25
CA GLN A 251 -2.77 16.56 12.25
C GLN A 251 -2.03 15.98 13.43
N GLY A 252 -0.69 15.97 13.36
CA GLY A 252 0.19 15.45 14.39
C GLY A 252 0.41 13.96 14.31
N LEU A 253 0.11 13.36 13.13
CA LEU A 253 0.23 11.93 12.87
C LEU A 253 1.54 11.56 12.16
N PRO A 254 2.02 10.28 12.29
CA PRO A 254 3.22 9.87 11.54
C PRO A 254 2.97 9.76 10.03
N PRO A 255 4.01 9.82 9.16
CA PRO A 255 3.79 9.57 7.73
C PRO A 255 3.45 8.10 7.51
N ALA A 256 3.00 7.74 6.29
CA ALA A 256 2.55 6.39 5.94
C ALA A 256 3.52 5.40 5.26
N THR A 257 3.71 4.21 5.85
CA THR A 257 4.54 3.13 5.31
C THR A 257 3.55 2.08 4.75
N PHE A 258 3.47 1.99 3.43
CA PHE A 258 2.49 1.13 2.73
C PHE A 258 3.02 -0.19 2.24
N TYR A 259 2.13 -1.20 2.26
CA TYR A 259 2.38 -2.50 1.65
C TYR A 259 2.08 -2.32 0.15
N GLU A 260 0.89 -1.75 -0.15
CA GLU A 260 0.37 -1.52 -1.50
C GLU A 260 -0.29 -0.14 -1.57
N PRO A 261 0.42 0.91 -2.03
CA PRO A 261 -0.18 2.28 -2.06
C PRO A 261 -1.10 2.50 -3.27
N ASN A 262 -0.95 1.62 -4.26
CA ASN A 262 -1.67 1.74 -5.53
C ASN A 262 -3.11 1.27 -5.46
N VAL A 263 -3.83 1.84 -4.49
CA VAL A 263 -5.26 1.55 -4.28
C VAL A 263 -6.17 2.82 -4.34
N PHE A 264 -5.56 3.96 -4.63
CA PHE A 264 -6.29 5.24 -4.66
C PHE A 264 -6.99 5.52 -5.99
N ASP A 265 -7.42 4.47 -6.67
CA ASP A 265 -8.20 4.59 -7.90
C ASP A 265 -9.57 3.93 -7.68
N LEU A 266 -9.57 2.60 -7.42
CA LEU A 266 -10.80 1.82 -7.28
C LEU A 266 -11.22 1.42 -5.85
N TYR A 267 -10.57 1.99 -4.82
CA TYR A 267 -10.99 1.78 -3.43
C TYR A 267 -11.85 3.00 -3.02
N SER A 268 -12.76 2.80 -2.07
CA SER A 268 -13.61 3.91 -1.60
C SER A 268 -12.88 4.73 -0.55
N ALA A 269 -13.31 6.00 -0.34
CA ALA A 269 -12.74 6.91 0.70
C ALA A 269 -12.74 6.28 2.09
N GLU A 270 -13.83 5.59 2.47
CA GLU A 270 -13.98 4.89 3.76
C GLU A 270 -12.91 3.78 3.94
N GLU A 271 -12.74 2.93 2.91
CA GLU A 271 -11.76 1.86 2.89
C GLU A 271 -10.34 2.42 2.83
N LEU A 272 -10.16 3.58 2.23
CA LEU A 272 -8.83 4.23 2.18
C LEU A 272 -8.39 4.82 3.52
N VAL A 273 -9.34 5.17 4.40
CA VAL A 273 -9.01 5.66 5.74
C VAL A 273 -8.29 4.50 6.44
N VAL A 274 -8.87 3.27 6.31
CA VAL A 274 -8.30 2.05 6.88
C VAL A 274 -6.93 1.76 6.29
N VAL A 275 -6.79 1.92 4.97
CA VAL A 275 -5.53 1.68 4.25
C VAL A 275 -4.44 2.63 4.79
N VAL A 276 -4.81 3.93 4.97
CA VAL A 276 -3.91 4.94 5.52
C VAL A 276 -3.56 4.69 6.99
N LYS A 277 -4.56 4.27 7.82
CA LYS A 277 -4.34 3.93 9.25
C LYS A 277 -3.37 2.77 9.41
N GLU A 278 -3.53 1.70 8.60
CA GLU A 278 -2.60 0.56 8.60
C GLU A 278 -1.19 1.02 8.19
N ALA A 279 -1.11 1.92 7.21
CA ALA A 279 0.19 2.45 6.77
C ALA A 279 0.88 3.27 7.88
N ILE A 280 0.10 4.07 8.65
CA ILE A 280 0.57 4.87 9.79
C ILE A 280 1.02 3.94 10.94
N PHE A 281 0.28 2.83 11.15
CA PHE A 281 0.59 1.82 12.15
C PHE A 281 1.94 1.16 11.84
N ASN A 282 2.23 0.92 10.54
CA ASN A 282 3.51 0.35 10.09
C ASN A 282 4.68 1.24 10.54
N THR A 283 4.57 2.57 10.36
CA THR A 283 5.55 3.58 10.79
C THR A 283 5.77 3.53 12.30
N VAL A 284 4.68 3.34 13.09
CA VAL A 284 4.72 3.24 14.54
C VAL A 284 5.47 1.98 14.97
N GLU A 285 5.22 0.84 14.28
CA GLU A 285 5.95 -0.42 14.52
C GLU A 285 7.42 -0.23 14.16
N ILE A 286 7.73 0.42 12.99
CA ILE A 286 9.12 0.66 12.56
C ILE A 286 9.85 1.45 13.68
N ILE A 287 9.28 2.60 14.12
CA ILE A 287 9.87 3.47 15.14
C ILE A 287 10.08 2.72 16.47
N GLU A 288 9.03 2.03 16.96
CA GLU A 288 9.06 1.28 18.22
C GLU A 288 10.12 0.19 18.22
N GLN A 289 10.19 -0.63 17.14
CA GLN A 289 11.20 -1.69 17.00
C GLN A 289 12.61 -1.10 17.05
N SER A 290 12.87 0.03 16.32
CA SER A 290 14.18 0.70 16.31
C SER A 290 14.56 1.27 17.69
N LYS A 291 13.60 1.95 18.37
CA LYS A 291 13.75 2.49 19.72
C LYS A 291 14.07 1.37 20.72
N ARG A 292 13.38 0.21 20.59
CA ARG A 292 13.56 -0.95 21.46
C ARG A 292 14.74 -1.85 21.02
N LYS A 293 15.56 -1.41 20.06
CA LYS A 293 16.72 -2.21 19.65
C LYS A 293 16.33 -3.62 19.16
N THR A 294 15.09 -3.73 18.69
CA THR A 294 14.49 -4.95 18.13
C THR A 294 14.86 -5.02 16.63
N PRO A 295 15.26 -6.18 16.06
CA PRO A 295 15.51 -6.22 14.60
C PRO A 295 14.19 -6.10 13.83
N ILE A 296 14.09 -5.11 12.91
CA ILE A 296 12.87 -4.88 12.14
C ILE A 296 12.62 -5.96 11.06
N THR A 297 11.47 -6.67 11.21
CA THR A 297 11.03 -7.83 10.42
C THR A 297 9.70 -7.70 9.60
N LEU A 298 9.05 -6.49 9.58
CA LEU A 298 7.80 -6.21 8.87
C LEU A 298 7.78 -6.77 7.43
N TYR A 299 6.67 -7.46 7.10
CA TYR A 299 6.40 -8.09 5.80
C TYR A 299 7.44 -9.14 5.36
N GLY A 300 7.98 -9.88 6.32
CA GLY A 300 8.93 -10.95 6.06
C GLY A 300 10.29 -10.53 5.55
N TYR A 301 10.66 -9.26 5.77
CA TYR A 301 11.94 -8.74 5.33
C TYR A 301 12.88 -8.34 6.46
N HIS A 302 14.05 -8.99 6.50
CA HIS A 302 15.14 -8.75 7.45
C HIS A 302 16.28 -8.19 6.63
N SER A 303 16.61 -6.91 6.82
CA SER A 303 17.68 -6.23 6.11
C SER A 303 19.05 -6.75 6.49
N SER A 304 19.87 -7.07 5.49
CA SER A 304 21.24 -7.51 5.76
C SER A 304 22.09 -6.26 6.00
N LEU A 305 23.19 -6.40 6.75
CA LEU A 305 24.12 -5.30 7.02
C LEU A 305 24.67 -4.67 5.74
N GLU A 306 24.79 -5.46 4.65
CA GLU A 306 25.28 -5.00 3.35
C GLU A 306 24.28 -4.08 2.72
N GLU A 307 22.98 -4.44 2.83
CA GLU A 307 21.85 -3.67 2.31
C GLU A 307 21.79 -2.30 3.00
N GLN A 308 21.93 -2.27 4.34
CA GLN A 308 21.92 -1.06 5.16
C GLN A 308 23.10 -0.16 4.84
N THR A 309 24.32 -0.71 4.80
CA THR A 309 25.50 0.07 4.46
C THR A 309 25.41 0.65 3.04
N LYS A 310 24.86 -0.13 2.07
CA LYS A 310 24.70 0.36 0.69
C LYS A 310 23.71 1.54 0.63
N PHE A 311 22.64 1.48 1.43
CA PHE A 311 21.63 2.53 1.56
C PHE A 311 22.17 3.75 2.30
N ARG A 312 22.94 3.54 3.39
CA ARG A 312 23.53 4.61 4.19
C ARG A 312 24.48 5.46 3.34
N ASP A 313 25.28 4.77 2.48
CA ASP A 313 26.23 5.39 1.57
C ASP A 313 25.51 6.04 0.37
N MET A 314 24.35 5.51 -0.02
CA MET A 314 23.56 6.01 -1.15
C MET A 314 22.73 7.25 -0.75
N LEU A 315 22.19 7.27 0.49
CA LEU A 315 21.36 8.33 1.06
C LEU A 315 22.04 9.68 0.88
N ASP A 316 21.29 10.62 0.29
CA ASP A 316 21.70 11.99 0.04
C ASP A 316 20.43 12.86 -0.04
N SER A 317 20.16 13.61 1.05
CA SER A 317 19.00 14.49 1.16
C SER A 317 19.27 15.54 2.24
N PRO A 318 19.72 16.78 1.88
CA PRO A 318 20.03 17.79 2.90
C PRO A 318 18.84 18.18 3.78
N SER A 319 17.65 18.28 3.17
CA SER A 319 16.40 18.64 3.88
C SER A 319 15.99 17.55 4.87
N TYR A 320 16.38 16.28 4.60
CA TYR A 320 16.13 15.19 5.54
C TYR A 320 17.05 15.36 6.73
N GLU A 321 18.32 15.76 6.48
CA GLU A 321 19.31 16.03 7.54
C GLU A 321 18.85 17.14 8.49
N LYS A 322 18.25 18.21 7.97
CA LYS A 322 17.73 19.30 8.81
C LYS A 322 16.62 18.83 9.78
N ILE A 323 15.69 17.96 9.30
CA ILE A 323 14.60 17.37 10.09
C ILE A 323 15.12 16.40 11.19
N LYS A 324 16.21 15.64 10.91
CA LYS A 324 16.80 14.70 11.87
C LYS A 324 17.42 15.43 13.07
N HIS A 325 17.78 16.70 12.90
CA HIS A 325 18.39 17.54 13.93
C HIS A 325 17.49 18.72 14.30
N MET A 326 16.21 18.67 13.89
CA MET A 326 15.20 19.70 14.15
C MET A 326 14.84 19.71 15.63
N ASP A 327 14.49 20.90 16.16
CA ASP A 327 14.16 21.11 17.56
C ASP A 327 12.66 21.06 17.87
N PHE A 328 12.19 19.91 18.35
CA PHE A 328 10.81 19.73 18.79
C PHE A 328 10.69 19.68 20.32
N SER A 329 11.43 20.58 20.96
CA SER A 329 11.48 20.72 22.42
C SER A 329 10.19 21.37 22.93
N ASP A 330 9.62 22.31 22.14
CA ASP A 330 8.37 23.01 22.47
C ASP A 330 7.12 22.22 22.01
N LEU A 331 7.23 20.88 22.01
CA LEU A 331 6.19 19.93 21.60
C LEU A 331 6.19 18.73 22.56
N ASN A 332 4.98 18.25 23.00
CA ASN A 332 4.85 17.07 23.90
C ASN A 332 4.80 15.77 23.10
N PRO A 333 5.88 14.94 23.11
CA PRO A 333 5.85 13.69 22.34
C PRO A 333 4.86 12.66 22.87
N GLU A 334 4.57 12.73 24.19
CA GLU A 334 3.64 11.83 24.90
C GLU A 334 2.21 12.03 24.46
N LYS A 335 1.73 13.29 24.41
CA LYS A 335 0.40 13.65 23.91
C LYS A 335 0.31 13.30 22.40
N LEU A 336 1.42 13.51 21.70
CA LEU A 336 1.55 13.20 20.29
C LEU A 336 1.44 11.67 20.09
N HIS A 337 2.09 10.87 20.97
CA HIS A 337 2.04 9.41 21.00
C HIS A 337 0.64 8.87 21.41
N LEU A 338 0.03 9.47 22.44
CA LEU A 338 -1.28 9.06 22.93
C LEU A 338 -2.37 9.35 21.92
N LYS A 339 -2.22 10.44 21.13
CA LYS A 339 -3.19 10.82 20.11
C LYS A 339 -3.14 9.84 18.92
N THR A 340 -1.95 9.43 18.46
CA THR A 340 -1.92 8.47 17.34
C THR A 340 -2.38 7.06 17.75
N GLN A 341 -2.14 6.70 19.01
CA GLN A 341 -2.54 5.43 19.57
C GLN A 341 -4.10 5.37 19.56
N LYS A 342 -4.76 6.45 20.03
CA LYS A 342 -6.23 6.54 20.04
C LYS A 342 -6.78 6.48 18.61
N CYS A 343 -6.18 7.24 17.70
CA CYS A 343 -6.57 7.25 16.30
C CYS A 343 -6.49 5.88 15.62
N LEU A 344 -5.42 5.11 15.91
CA LEU A 344 -5.21 3.80 15.29
C LEU A 344 -5.92 2.65 16.02
N SER A 345 -6.56 2.93 17.15
CA SER A 345 -7.23 1.86 17.92
C SER A 345 -8.41 1.20 17.19
N SER A 346 -8.87 1.82 16.08
CA SER A 346 -9.98 1.31 15.27
C SER A 346 -9.57 0.01 14.56
N LEU A 347 -8.24 -0.12 14.33
CA LEU A 347 -7.58 -1.26 13.71
C LEU A 347 -7.72 -2.55 14.54
N ASN A 348 -7.74 -2.42 15.87
CA ASN A 348 -7.72 -3.54 16.83
C ASN A 348 -8.73 -4.69 16.67
N GLU A 349 -10.04 -4.41 16.51
CA GLU A 349 -11.00 -5.50 16.33
C GLU A 349 -11.47 -5.76 14.87
N GLN A 350 -10.51 -5.92 13.96
CA GLN A 350 -10.83 -6.28 12.58
C GLN A 350 -9.83 -7.31 12.13
N TYR A 351 -10.35 -8.49 11.69
CA TYR A 351 -9.59 -9.66 11.24
C TYR A 351 -8.41 -9.87 12.21
N PRO A 352 -8.72 -10.13 13.50
CA PRO A 352 -7.64 -10.20 14.50
C PRO A 352 -6.56 -11.24 14.22
N LEU A 353 -6.94 -12.40 13.65
CA LEU A 353 -5.99 -13.47 13.32
C LEU A 353 -5.07 -13.06 12.19
N HIS A 354 -5.60 -12.32 11.21
CA HIS A 354 -4.87 -11.82 10.07
C HIS A 354 -3.82 -10.78 10.50
N ARG A 355 -4.21 -9.74 11.28
CA ARG A 355 -3.34 -8.67 11.80
C ARG A 355 -2.27 -9.27 12.73
N GLY A 356 -2.67 -10.27 13.51
CA GLY A 356 -1.79 -11.03 14.40
C GLY A 356 -0.70 -11.74 13.62
N ALA A 357 -1.09 -12.42 12.50
CA ALA A 357 -0.13 -13.09 11.63
C ALA A 357 0.88 -12.09 11.01
N ILE A 358 0.50 -10.80 10.91
CA ILE A 358 1.36 -9.76 10.35
C ILE A 358 2.26 -9.12 11.43
N TYR A 359 1.67 -8.75 12.57
CA TYR A 359 2.35 -7.97 13.62
C TYR A 359 2.84 -8.67 14.87
N LEU A 360 2.15 -9.72 15.31
CA LEU A 360 2.43 -10.43 16.56
C LEU A 360 3.57 -11.45 16.46
N SER A 361 4.57 -11.35 17.36
CA SER A 361 5.70 -12.29 17.41
C SER A 361 5.83 -13.06 18.78
N ASP A 362 5.13 -12.59 19.82
CA ASP A 362 5.16 -13.19 21.14
C ASP A 362 4.33 -14.49 21.21
N PRO A 363 4.98 -15.64 21.53
CA PRO A 363 4.25 -16.93 21.57
C PRO A 363 3.01 -16.97 22.46
N GLY A 364 3.10 -16.30 23.60
CA GLY A 364 2.03 -16.21 24.59
C GLY A 364 0.83 -15.43 24.12
N GLU A 365 1.07 -14.26 23.47
CA GLU A 365 0.00 -13.42 22.96
C GLU A 365 -0.72 -14.13 21.82
N ILE A 366 0.05 -14.83 20.97
CA ILE A 366 -0.44 -15.60 19.82
C ILE A 366 -1.33 -16.77 20.30
N LYS A 367 -0.88 -17.50 21.33
CA LYS A 367 -1.61 -18.62 21.89
C LYS A 367 -2.93 -18.18 22.53
N LEU A 368 -2.93 -17.00 23.17
CA LEU A 368 -4.12 -16.43 23.79
C LEU A 368 -5.15 -16.06 22.71
N LEU A 369 -4.67 -15.46 21.61
CA LEU A 369 -5.43 -15.02 20.46
C LEU A 369 -6.10 -16.18 19.72
N LEU A 370 -5.45 -17.37 19.66
CA LEU A 370 -5.98 -18.50 18.91
C LEU A 370 -6.86 -19.44 19.68
N SER A 371 -6.98 -19.19 21.00
CA SER A 371 -7.81 -19.90 21.96
C SER A 371 -9.27 -19.65 21.66
N ASN A 372 -10.09 -20.69 21.85
CA ASN A 372 -11.54 -20.68 21.62
C ASN A 372 -11.97 -20.38 20.16
N ARG A 373 -11.00 -20.22 19.19
CA ARG A 373 -11.29 -19.94 17.77
C ARG A 373 -11.65 -21.22 17.02
N ASN A 374 -12.69 -21.18 16.18
CA ASN A 374 -13.12 -22.33 15.39
C ASN A 374 -12.43 -22.47 14.03
N GLU A 375 -12.76 -23.57 13.33
CA GLU A 375 -12.30 -23.97 12.01
C GLU A 375 -12.59 -22.85 10.97
N SER A 376 -13.76 -22.18 11.07
CA SER A 376 -14.12 -21.13 10.13
C SER A 376 -13.32 -19.83 10.36
N GLN A 377 -12.96 -19.56 11.62
CA GLN A 377 -12.15 -18.38 11.98
C GLN A 377 -10.68 -18.59 11.63
N ILE A 378 -10.14 -19.80 11.87
CA ILE A 378 -8.73 -20.11 11.57
C ILE A 378 -8.47 -20.15 10.05
N ASN A 379 -9.50 -20.56 9.28
CA ASN A 379 -9.42 -20.67 7.82
C ASN A 379 -10.02 -19.49 7.05
N GLN A 380 -10.44 -18.44 7.78
CA GLN A 380 -11.05 -17.24 7.24
C GLN A 380 -10.21 -16.52 6.21
N GLN A 381 -10.83 -16.28 5.07
CA GLN A 381 -10.28 -15.55 3.94
C GLN A 381 -11.07 -14.24 3.85
N ILE A 382 -10.39 -13.11 4.00
CA ILE A 382 -11.01 -11.78 3.96
C ILE A 382 -11.49 -11.41 2.55
N GLU A 383 -12.63 -10.71 2.49
CA GLU A 383 -13.26 -10.27 1.26
C GLU A 383 -12.84 -8.85 0.87
N GLN A 384 -13.19 -8.44 -0.38
CA GLN A 384 -12.95 -7.12 -0.98
C GLN A 384 -13.30 -5.97 0.00
N GLY A 385 -12.58 -4.87 -0.07
CA GLY A 385 -12.81 -3.73 0.81
C GLY A 385 -11.78 -3.61 1.91
N ALA A 386 -11.27 -4.74 2.43
CA ALA A 386 -10.21 -4.68 3.45
C ALA A 386 -8.91 -4.13 2.79
N PRO A 387 -7.90 -3.58 3.54
CA PRO A 387 -6.66 -3.18 2.87
C PRO A 387 -6.13 -4.35 2.01
N PRO A 388 -5.56 -4.05 0.80
CA PRO A 388 -5.13 -5.12 -0.13
C PRO A 388 -4.42 -6.42 0.35
N ILE A 389 -3.48 -6.34 1.30
CA ILE A 389 -2.75 -7.52 1.81
C ILE A 389 -3.66 -8.66 2.35
N TYR A 390 -4.87 -8.30 2.83
CA TYR A 390 -5.78 -9.26 3.45
C TYR A 390 -6.63 -10.02 2.47
N VAL A 391 -7.11 -9.35 1.41
CA VAL A 391 -8.04 -9.89 0.43
C VAL A 391 -7.75 -11.31 -0.12
N GLY A 392 -8.62 -12.25 0.25
CA GLY A 392 -8.59 -13.64 -0.17
C GLY A 392 -7.60 -14.51 0.58
N LYS A 393 -7.00 -13.94 1.63
CA LYS A 393 -5.95 -14.58 2.40
C LYS A 393 -6.39 -15.08 3.74
N THR A 394 -5.79 -16.24 4.14
CA THR A 394 -6.01 -16.89 5.42
C THR A 394 -4.95 -16.30 6.39
N PRO A 395 -5.10 -16.46 7.73
CA PRO A 395 -4.01 -16.08 8.64
C PRO A 395 -2.71 -16.82 8.25
N ALA A 396 -2.83 -18.10 7.77
CA ALA A 396 -1.70 -18.93 7.34
C ALA A 396 -0.89 -18.30 6.21
N HIS A 397 -1.55 -17.77 5.16
CA HIS A 397 -0.83 -17.14 4.05
C HIS A 397 -0.04 -15.94 4.57
N LEU A 398 -0.66 -15.21 5.49
CA LEU A 398 -0.13 -13.99 6.09
C LEU A 398 1.04 -14.24 7.02
N ALA A 399 1.03 -15.37 7.75
CA ALA A 399 2.13 -15.76 8.65
C ALA A 399 3.37 -16.10 7.81
N VAL A 400 3.17 -16.89 6.74
CA VAL A 400 4.20 -17.28 5.77
C VAL A 400 4.86 -16.02 5.13
N ILE A 401 4.08 -15.07 4.58
CA ILE A 401 4.67 -13.85 3.98
C ILE A 401 5.40 -12.94 5.00
N SER A 402 4.96 -12.94 6.26
CA SER A 402 5.51 -12.11 7.33
C SER A 402 6.67 -12.76 8.07
N GLY A 403 6.93 -14.05 7.79
CA GLY A 403 7.95 -14.84 8.46
C GLY A 403 7.56 -15.19 9.89
N ASN A 404 6.26 -15.11 10.21
CA ASN A 404 5.72 -15.33 11.54
C ASN A 404 5.67 -16.80 11.88
N MET A 405 6.83 -17.32 12.31
CA MET A 405 7.03 -18.71 12.71
C MET A 405 6.18 -19.09 13.95
N ALA A 406 6.11 -18.18 14.96
CA ALA A 406 5.33 -18.43 16.17
C ALA A 406 3.85 -18.60 15.82
N MET A 407 3.32 -17.77 14.86
CA MET A 407 1.93 -17.83 14.40
C MET A 407 1.68 -19.08 13.57
N LEU A 408 2.61 -19.42 12.64
CA LEU A 408 2.48 -20.61 11.82
C LEU A 408 2.41 -21.86 12.69
N ASP A 409 3.24 -21.94 13.76
CA ASP A 409 3.26 -23.07 14.71
C ASP A 409 1.93 -23.22 15.41
N GLU A 410 1.39 -22.10 15.91
CA GLU A 410 0.10 -22.05 16.58
C GLU A 410 -1.02 -22.46 15.65
N LEU A 411 -1.01 -21.94 14.39
CA LEU A 411 -1.97 -22.30 13.35
C LEU A 411 -1.94 -23.78 12.99
N ILE A 412 -0.71 -24.38 12.86
CA ILE A 412 -0.51 -25.82 12.58
C ILE A 412 -1.09 -26.65 13.75
N ALA A 413 -0.84 -26.21 14.98
CA ALA A 413 -1.36 -26.82 16.20
C ALA A 413 -2.90 -26.72 16.23
N LYS A 414 -3.44 -25.60 15.70
CA LYS A 414 -4.90 -25.37 15.65
C LYS A 414 -5.56 -26.12 14.49
N LYS A 415 -4.76 -26.94 13.75
CA LYS A 415 -5.16 -27.76 12.60
C LYS A 415 -5.60 -26.94 11.39
N ALA A 416 -4.99 -25.73 11.15
CA ALA A 416 -5.36 -24.87 10.01
C ALA A 416 -5.16 -25.59 8.70
N ASP A 417 -6.00 -25.30 7.71
CA ASP A 417 -5.83 -25.93 6.41
C ASP A 417 -4.76 -25.16 5.62
N LEU A 418 -3.63 -25.82 5.34
CA LEU A 418 -2.48 -25.25 4.62
C LEU A 418 -2.54 -25.40 3.09
N SER A 419 -3.57 -26.11 2.59
CA SER A 419 -3.78 -26.35 1.17
C SER A 419 -4.74 -25.31 0.55
N LEU A 420 -5.31 -24.42 1.38
CA LEU A 420 -6.22 -23.38 0.89
C LEU A 420 -5.51 -22.40 -0.01
N GLN A 421 -6.06 -22.18 -1.21
CA GLN A 421 -5.47 -21.23 -2.15
C GLN A 421 -6.11 -19.88 -2.09
N ASP A 422 -5.29 -18.81 -2.13
CA ASP A 422 -5.77 -17.43 -2.07
C ASP A 422 -6.35 -16.99 -3.44
N TYR A 423 -6.76 -15.71 -3.61
CA TYR A 423 -7.33 -15.29 -4.89
C TYR A 423 -6.35 -15.31 -6.11
N ASP A 424 -5.05 -15.58 -5.86
CA ASP A 424 -4.00 -15.72 -6.88
C ASP A 424 -3.71 -17.19 -7.19
N GLY A 425 -4.46 -18.09 -6.55
CA GLY A 425 -4.34 -19.55 -6.66
C GLY A 425 -3.20 -20.11 -5.84
N LYS A 426 -2.53 -19.25 -5.06
CA LYS A 426 -1.37 -19.60 -4.24
C LYS A 426 -1.72 -20.14 -2.85
N THR A 427 -1.01 -21.19 -2.42
CA THR A 427 -1.15 -21.82 -1.10
C THR A 427 -0.03 -21.25 -0.20
N ALA A 428 -0.04 -21.61 1.09
CA ALA A 428 0.99 -21.23 2.05
C ALA A 428 2.38 -21.74 1.58
N LEU A 429 2.39 -22.82 0.76
CA LEU A 429 3.60 -23.43 0.21
C LEU A 429 4.27 -22.57 -0.90
N HIS A 430 3.43 -21.96 -1.82
CA HIS A 430 3.87 -21.08 -2.91
C HIS A 430 4.62 -19.86 -2.32
N TYR A 431 4.05 -19.22 -1.27
CA TYR A 431 4.65 -18.08 -0.58
C TYR A 431 5.92 -18.47 0.15
N ALA A 432 5.98 -19.69 0.70
CA ALA A 432 7.19 -20.16 1.41
C ALA A 432 8.32 -20.29 0.41
N ALA A 433 8.05 -20.89 -0.77
CA ALA A 433 8.98 -21.01 -1.89
C ALA A 433 9.42 -19.62 -2.40
N GLU A 434 8.44 -18.71 -2.69
CA GLU A 434 8.67 -17.33 -3.16
C GLU A 434 9.53 -16.51 -2.21
N CYS A 435 9.39 -16.71 -0.90
CA CYS A 435 10.14 -15.99 0.14
C CYS A 435 11.46 -16.71 0.49
N GLY A 436 11.62 -17.93 -0.01
CA GLY A 436 12.81 -18.74 0.20
C GLY A 436 13.02 -19.17 1.64
N ASN A 437 11.94 -19.26 2.41
CA ASN A 437 12.02 -19.66 3.82
C ASN A 437 12.06 -21.18 3.96
N MET A 438 13.25 -21.72 4.24
CA MET A 438 13.43 -23.15 4.43
C MET A 438 12.67 -23.68 5.66
N GLN A 439 12.80 -23.00 6.80
CA GLN A 439 12.12 -23.44 8.01
C GLN A 439 10.57 -23.51 7.88
N ILE A 440 9.91 -22.42 7.39
CA ILE A 440 8.45 -22.42 7.22
C ILE A 440 8.01 -23.44 6.18
N MET A 441 8.81 -23.61 5.13
CA MET A 441 8.59 -24.58 4.06
C MET A 441 8.61 -26.00 4.63
N GLY A 442 9.64 -26.29 5.43
CA GLY A 442 9.81 -27.56 6.13
C GLY A 442 8.63 -27.91 7.00
N LYS A 443 8.14 -26.95 7.83
CA LYS A 443 6.99 -27.12 8.73
C LYS A 443 5.74 -27.51 7.95
N ILE A 444 5.44 -26.77 6.83
CA ILE A 444 4.29 -27.04 5.96
C ILE A 444 4.43 -28.42 5.30
N LEU A 445 5.61 -28.74 4.77
CA LEU A 445 5.82 -30.03 4.11
C LEU A 445 5.72 -31.23 5.07
N LYS A 446 6.15 -31.06 6.33
CA LYS A 446 6.05 -32.10 7.34
C LYS A 446 4.57 -32.41 7.56
N VAL A 447 3.73 -31.34 7.61
CA VAL A 447 2.28 -31.43 7.76
C VAL A 447 1.66 -32.08 6.50
N VAL A 448 1.88 -31.47 5.30
CA VAL A 448 1.35 -31.90 4.01
C VAL A 448 1.58 -33.38 3.72
N LEU A 449 2.78 -33.91 4.03
CA LEU A 449 3.14 -35.31 3.79
C LEU A 449 2.55 -36.30 4.76
N SER A 450 2.07 -35.83 5.94
CA SER A 450 1.44 -36.66 6.96
C SER A 450 -0.05 -36.90 6.66
N GLN A 451 -0.56 -36.30 5.56
CA GLN A 451 -1.92 -36.43 5.05
C GLN A 451 -1.94 -37.24 3.76
N GLU A 452 -3.00 -38.02 3.54
CA GLU A 452 -3.12 -38.93 2.38
C GLU A 452 -3.06 -38.33 0.97
N ASP A 453 -3.52 -37.08 0.77
CA ASP A 453 -3.50 -36.43 -0.55
C ASP A 453 -2.25 -35.55 -0.78
N ALA A 454 -1.15 -35.79 -0.02
CA ALA A 454 0.13 -35.07 -0.06
C ALA A 454 0.58 -34.59 -1.44
N ILE A 455 0.64 -35.52 -2.42
CA ILE A 455 1.04 -35.29 -3.81
C ILE A 455 0.13 -34.33 -4.56
N LYS A 456 -1.19 -34.40 -4.32
CA LYS A 456 -2.20 -33.52 -4.93
C LYS A 456 -1.95 -32.07 -4.45
N VAL A 457 -1.64 -31.89 -3.15
CA VAL A 457 -1.35 -30.61 -2.48
C VAL A 457 -0.07 -29.96 -3.04
N LEU A 458 1.01 -30.74 -3.20
CA LEU A 458 2.28 -30.26 -3.74
C LEU A 458 2.16 -29.82 -5.20
N ASN A 459 1.32 -30.50 -5.97
CA ASN A 459 1.10 -30.21 -7.39
C ASN A 459 0.08 -29.09 -7.70
N ILE A 460 -0.38 -28.37 -6.66
CA ILE A 460 -1.33 -27.26 -6.81
C ILE A 460 -0.66 -26.11 -7.57
N LYS A 461 -1.24 -25.80 -8.73
CA LYS A 461 -0.79 -24.75 -9.63
C LYS A 461 -1.59 -23.49 -9.30
N ASP A 462 -0.91 -22.34 -9.23
CA ASP A 462 -1.60 -21.09 -8.98
C ASP A 462 -2.22 -20.56 -10.30
N ASN A 463 -2.54 -19.27 -10.36
CA ASN A 463 -3.14 -18.63 -11.54
C ASN A 463 -2.21 -18.66 -12.78
N HIS A 464 -0.87 -18.69 -12.57
CA HIS A 464 0.14 -18.77 -13.62
C HIS A 464 0.46 -20.23 -14.03
N GLY A 465 -0.28 -21.19 -13.47
CA GLY A 465 -0.08 -22.60 -13.73
C GLY A 465 1.21 -23.11 -13.09
N LYS A 466 1.78 -22.31 -12.15
CA LYS A 466 3.01 -22.63 -11.45
C LYS A 466 2.72 -23.29 -10.09
N THR A 467 3.57 -24.28 -9.77
CA THR A 467 3.59 -25.10 -8.56
C THR A 467 4.47 -24.38 -7.52
N ALA A 468 4.37 -24.72 -6.20
CA ALA A 468 5.23 -24.09 -5.18
C ALA A 468 6.72 -24.33 -5.48
N PHE A 469 7.06 -25.52 -6.00
CA PHE A 469 8.43 -25.93 -6.33
C PHE A 469 9.02 -25.31 -7.59
N HIS A 470 8.14 -24.82 -8.49
CA HIS A 470 8.50 -24.05 -9.67
C HIS A 470 9.09 -22.73 -9.14
N TYR A 471 8.39 -22.07 -8.17
CA TYR A 471 8.87 -20.83 -7.54
C TYR A 471 10.14 -21.04 -6.74
N ALA A 472 10.24 -22.17 -6.00
CA ALA A 472 11.40 -22.56 -5.20
C ALA A 472 12.63 -22.70 -6.10
N ALA A 473 12.45 -23.30 -7.30
CA ALA A 473 13.48 -23.49 -8.32
C ALA A 473 14.00 -22.15 -8.88
N GLU A 474 13.15 -21.12 -8.85
CA GLU A 474 13.47 -19.78 -9.36
C GLU A 474 13.87 -18.82 -8.25
N PHE A 475 13.87 -19.29 -7.00
CA PHE A 475 14.22 -18.38 -5.92
C PHE A 475 15.67 -17.92 -6.04
N GLY A 476 15.88 -16.62 -5.95
CA GLY A 476 17.20 -16.00 -5.99
C GLY A 476 17.93 -16.06 -7.34
N THR A 477 17.22 -16.52 -8.40
CA THR A 477 17.77 -16.58 -9.75
C THR A 477 18.03 -15.15 -10.24
N PRO A 478 19.23 -14.85 -10.79
CA PRO A 478 19.52 -13.47 -11.21
C PRO A 478 18.53 -12.85 -12.19
N GLU A 479 18.32 -11.54 -12.05
CA GLU A 479 17.47 -10.70 -12.91
C GLU A 479 18.30 -10.21 -14.13
N LEU A 480 19.57 -10.64 -14.21
CA LEU A 480 20.53 -10.25 -15.25
C LEU A 480 20.99 -11.39 -16.17
N ILE A 481 21.41 -11.03 -17.39
CA ILE A 481 21.97 -11.96 -18.37
C ILE A 481 23.40 -12.21 -17.91
N SER A 482 23.56 -13.28 -17.14
CA SER A 482 24.84 -13.68 -16.54
C SER A 482 24.96 -15.21 -16.52
N ALA A 483 26.12 -15.75 -16.94
CA ALA A 483 26.38 -17.20 -16.92
C ALA A 483 26.73 -17.66 -15.52
N LEU A 484 27.43 -16.77 -14.75
CA LEU A 484 27.94 -16.90 -13.36
C LEU A 484 29.23 -17.73 -13.31
O3P C5P B . 3.15 7.29 -10.18
P C5P B . 4.33 6.50 -9.67
O1P C5P B . 5.31 6.08 -10.76
O2P C5P B . 4.94 7.35 -8.59
O5' C5P B . 3.67 5.23 -8.95
C5' C5P B . 3.90 4.72 -7.63
C4' C5P B . 4.19 3.24 -7.68
O4' C5P B . 5.01 2.91 -8.82
C3' C5P B . 4.97 2.71 -6.49
O3' C5P B . 4.10 2.49 -5.38
C2' C5P B . 5.55 1.41 -7.05
O2' C5P B . 4.59 0.37 -7.09
C1' C5P B . 5.87 1.83 -8.49
N1 C5P B . 7.28 2.25 -8.67
C2 C5P B . 8.27 1.25 -8.68
N3 C5P B . 9.57 1.61 -8.84
C4 C5P B . 9.91 2.90 -8.97
C5 C5P B . 8.93 3.94 -8.95
C6 C5P B . 7.64 3.58 -8.80
O2 C5P B . 7.92 0.07 -8.55
N4 C5P B . 11.20 3.20 -9.12
HOP3 C5P B . 2.48 7.02 -10.86
HOP2 C5P B . 5.05 8.34 -8.70
H5'1 C5P B . 3.00 4.89 -7.03
H5'2 C5P B . 4.73 5.30 -7.21
H4' C5P B . 3.27 2.68 -7.83
H3' C5P B . 5.76 3.39 -6.18
HO3' C5P B . 4.59 2.77 -4.56
H2'1 C5P B . 6.43 1.15 -6.49
HO2' C5P B . 4.15 0.38 -6.19
H1' C5P B . 5.64 1.01 -9.16
H5 C5P B . 9.19 4.99 -9.06
H6 C5P B . 6.87 4.35 -8.75
HN41 C5P B . 11.93 2.50 -9.13
HN42 C5P B . 11.52 4.16 -9.22
P1 PC C . 1.76 7.31 -13.50
O1 PC C . 3.13 6.78 -13.34
O3 PC C . 1.03 6.72 -14.72
O4 PC C . 1.70 8.82 -13.57
O2 PC C . 0.89 6.87 -12.19
C1 PC C . 0.57 5.48 -11.93
C2 PC C . -0.06 5.41 -10.56
N1 PC C . -0.79 4.13 -10.22
C3 PC C . 0.12 2.95 -10.34
C4 PC C . -1.97 3.94 -11.10
C5 PC C . -1.26 4.23 -8.80
HO3 PC C . 0.10 6.38 -14.75
HO4 PC C . 1.65 9.31 -14.43
H11 PC C . 1.49 4.90 -11.94
H12 PC C . -0.04 5.12 -12.75
H21 PC C . -0.73 6.25 -10.41
H22 PC C . 0.73 5.56 -9.82
H31 PC C . 0.33 2.69 -11.39
H32 PC C . 1.08 3.10 -9.85
H33 PC C . -0.32 2.04 -9.90
H41 PC C . -2.60 3.11 -10.76
H42 PC C . -2.59 4.83 -11.13
H43 PC C . -1.70 3.70 -12.13
H51 PC C . -0.47 4.49 -8.10
H52 PC C . -2.02 4.99 -8.71
H53 PC C . -1.70 3.30 -8.45
S SO4 D . 23.43 -7.57 -19.12
O1 SO4 D . 24.37 -8.68 -19.24
O2 SO4 D . 22.25 -7.96 -18.34
O3 SO4 D . 24.07 -6.41 -18.49
O4 SO4 D . 23.01 -7.20 -20.47
S SO4 E . -2.35 -6.92 -6.70
O1 SO4 E . -1.50 -7.01 -7.91
O2 SO4 E . -2.80 -8.26 -6.31
O3 SO4 E . -1.58 -6.31 -5.62
O4 SO4 E . -3.52 -6.10 -6.99
S SO4 F . 2.48 -0.45 -10.64
O1 SO4 F . 1.44 -1.39 -11.08
O2 SO4 F . 1.91 0.51 -9.70
O3 SO4 F . 3.57 -1.19 -9.99
O4 SO4 F . 3.00 0.28 -11.80
#